data_2M7C
#
_entry.id   2M7C
#
_cell.length_a   1.000
_cell.length_b   1.000
_cell.length_c   1.000
_cell.angle_alpha   90.00
_cell.angle_beta   90.00
_cell.angle_gamma   90.00
#
_symmetry.space_group_name_H-M   'P 1'
#
_entity_poly.entity_id   1
_entity_poly.type   'polypeptide(L)'
_entity_poly.pdbx_seq_one_letter_code
;RPPPSD(AIB)AAYAQWLAD(DAL)GWAS
;
_entity_poly.pdbx_strand_id   A
#
# COMPACT_ATOMS: atom_id res chain seq x y z
N ARG A 1 6.88 1.76 -2.68
CA ARG A 1 6.20 2.87 -1.95
C ARG A 1 5.71 2.41 -0.57
N PRO A 2 6.14 3.10 0.51
CA PRO A 2 5.73 2.75 1.88
C PRO A 2 4.22 2.85 2.08
N PRO A 3 3.71 2.25 3.18
CA PRO A 3 2.27 2.28 3.50
C PRO A 3 1.71 3.71 3.59
N PRO A 4 0.72 4.03 2.74
CA PRO A 4 0.09 5.35 2.72
C PRO A 4 -0.99 5.50 3.79
N SER A 5 -1.03 6.67 4.42
CA SER A 5 -2.04 6.97 5.44
C SER A 5 -3.46 6.78 4.90
N ASP A 6 -3.76 7.42 3.76
CA ASP A 6 -5.09 7.36 3.16
C ASP A 6 -5.61 5.92 3.12
N ALA A 8 -7.86 4.50 1.09
CA ALA A 8 -7.96 3.95 -0.26
C ALA A 8 -6.65 3.30 -0.68
N ALA A 9 -5.57 4.08 -0.65
CA ALA A 9 -4.28 3.64 -1.18
C ALA A 9 -3.71 2.50 -0.34
N TYR A 10 -4.02 2.49 0.96
CA TYR A 10 -3.53 1.46 1.87
C TYR A 10 -3.97 0.07 1.42
N ALA A 11 -5.17 -0.01 0.83
CA ALA A 11 -5.72 -1.29 0.36
C ALA A 11 -4.94 -1.80 -0.84
N GLN A 12 -4.81 -0.97 -1.87
CA GLN A 12 -4.08 -1.33 -3.08
C GLN A 12 -2.62 -1.66 -2.73
N TRP A 13 -2.08 -0.94 -1.75
CA TRP A 13 -0.71 -1.15 -1.30
C TRP A 13 -0.53 -2.60 -0.85
N LEU A 14 -1.46 -3.10 -0.04
CA LEU A 14 -1.43 -4.48 0.45
C LEU A 14 -1.51 -5.46 -0.73
N ALA A 15 -2.38 -5.14 -1.69
CA ALA A 15 -2.58 -5.98 -2.88
C ALA A 15 -1.28 -6.13 -3.69
N ASP A 16 -0.43 -5.10 -3.66
CA ASP A 16 0.83 -5.13 -4.40
C ASP A 16 1.98 -5.72 -3.56
N GLY A 18 2.46 -4.95 -0.38
CA GLY A 18 2.87 -3.95 0.59
C GLY A 18 4.28 -3.42 0.33
N TRP A 19 5.24 -3.85 1.14
CA TRP A 19 6.63 -3.42 0.99
C TRP A 19 7.25 -3.97 -0.29
N ALA A 20 6.80 -5.15 -0.71
CA ALA A 20 7.29 -5.77 -1.95
C ALA A 20 6.87 -4.99 -3.19
N SER A 21 5.86 -4.11 -3.03
CA SER A 21 5.36 -3.30 -4.15
C SER A 21 6.49 -2.51 -4.80
N ARG A 1 6.73 2.22 -3.51
CA ARG A 1 5.64 2.93 -2.77
C ARG A 1 5.51 2.41 -1.34
N PRO A 2 5.61 3.30 -0.34
CA PRO A 2 5.50 2.93 1.07
C PRO A 2 4.06 2.95 1.56
N PRO A 3 3.81 2.45 2.79
CA PRO A 3 2.47 2.40 3.38
C PRO A 3 1.83 3.80 3.50
N PRO A 4 0.81 4.08 2.67
CA PRO A 4 0.12 5.37 2.69
C PRO A 4 -0.96 5.45 3.77
N SER A 5 -0.99 6.57 4.49
CA SER A 5 -1.99 6.79 5.55
C SER A 5 -3.42 6.59 5.03
N ASP A 6 -3.79 7.35 3.99
CA ASP A 6 -5.13 7.25 3.40
C ASP A 6 -5.57 5.79 3.32
N ALA A 8 -7.80 4.33 1.37
CA ALA A 8 -7.94 3.83 -0.01
C ALA A 8 -6.65 3.20 -0.50
N ALA A 9 -5.57 3.98 -0.50
CA ALA A 9 -4.30 3.54 -1.07
C ALA A 9 -3.67 2.43 -0.22
N TYR A 10 -3.93 2.45 1.09
CA TYR A 10 -3.37 1.47 2.01
C TYR A 10 -3.83 0.06 1.63
N ALA A 11 -5.05 -0.05 1.11
CA ALA A 11 -5.61 -1.34 0.72
C ALA A 11 -4.90 -1.91 -0.50
N GLN A 12 -4.83 -1.11 -1.56
CA GLN A 12 -4.15 -1.53 -2.79
C GLN A 12 -2.68 -1.83 -2.51
N TRP A 13 -2.08 -1.05 -1.61
CA TRP A 13 -0.69 -1.23 -1.21
C TRP A 13 -0.47 -2.65 -0.69
N LEU A 14 -1.36 -3.10 0.21
CA LEU A 14 -1.28 -4.44 0.77
C LEU A 14 -1.44 -5.50 -0.32
N ALA A 15 -2.34 -5.23 -1.27
CA ALA A 15 -2.60 -6.14 -2.39
C ALA A 15 -1.34 -6.43 -3.20
N ASP A 16 -0.47 -5.43 -3.34
CA ASP A 16 0.77 -5.59 -4.09
C ASP A 16 1.92 -6.11 -3.21
N GLY A 18 2.69 -4.76 -0.33
CA GLY A 18 3.20 -3.63 0.43
C GLY A 18 4.65 -3.32 0.11
N TRP A 19 5.56 -3.70 1.02
CA TRP A 19 6.98 -3.46 0.84
C TRP A 19 7.54 -4.32 -0.30
N ALA A 20 6.93 -5.49 -0.51
CA ALA A 20 7.36 -6.41 -1.56
C ALA A 20 6.57 -6.17 -2.85
N SER A 21 6.37 -4.89 -3.19
CA SER A 21 5.61 -4.53 -4.40
C SER A 21 6.56 -4.23 -5.57
N ARG A 1 6.65 2.23 -2.62
CA ARG A 1 5.98 3.24 -1.74
C ARG A 1 5.54 2.62 -0.41
N PRO A 2 5.99 3.18 0.73
CA PRO A 2 5.63 2.67 2.06
C PRO A 2 4.12 2.76 2.33
N PRO A 3 3.63 2.08 3.38
CA PRO A 3 2.20 2.08 3.75
C PRO A 3 1.65 3.50 3.91
N PRO A 4 0.73 3.92 3.03
CA PRO A 4 0.12 5.25 3.07
C PRO A 4 -1.04 5.33 4.06
N SER A 5 -1.08 6.42 4.81
CA SER A 5 -2.14 6.65 5.80
C SER A 5 -3.54 6.54 5.18
N ASP A 6 -3.76 7.30 4.10
CA ASP A 6 -5.04 7.27 3.39
C ASP A 6 -5.50 5.83 3.15
N ALA A 8 -7.60 4.64 0.90
CA ALA A 8 -7.65 4.29 -0.52
C ALA A 8 -6.34 3.64 -0.97
N ALA A 9 -5.22 4.35 -0.77
CA ALA A 9 -3.92 3.87 -1.22
C ALA A 9 -3.44 2.69 -0.37
N TYR A 10 -3.85 2.62 0.90
CA TYR A 10 -3.41 1.51 1.75
C TYR A 10 -3.96 0.18 1.24
N ALA A 11 -5.17 0.21 0.68
CA ALA A 11 -5.77 -1.01 0.16
C ALA A 11 -4.99 -1.52 -1.05
N GLN A 12 -4.79 -0.65 -2.04
CA GLN A 12 -4.04 -1.00 -3.25
C GLN A 12 -2.61 -1.40 -2.88
N TRP A 13 -2.07 -0.74 -1.86
CA TRP A 13 -0.71 -1.02 -1.37
C TRP A 13 -0.59 -2.50 -0.98
N LEU A 14 -1.57 -2.98 -0.22
CA LEU A 14 -1.60 -4.39 0.21
C LEU A 14 -1.70 -5.31 -1.01
N ALA A 15 -2.57 -4.94 -1.95
CA ALA A 15 -2.78 -5.71 -3.17
C ALA A 15 -1.51 -5.83 -4.01
N ASP A 16 -0.67 -4.78 -3.98
CA ASP A 16 0.57 -4.77 -4.74
C ASP A 16 1.69 -5.56 -4.03
N GLY A 18 2.54 -4.74 -0.71
CA GLY A 18 2.99 -3.92 0.40
C GLY A 18 4.48 -3.62 0.32
N TRP A 19 5.25 -4.15 1.27
CA TRP A 19 6.70 -3.94 1.29
C TRP A 19 7.39 -4.69 0.16
N ALA A 20 6.87 -5.88 -0.18
CA ALA A 20 7.42 -6.69 -1.25
C ALA A 20 6.71 -6.40 -2.58
N SER A 21 6.47 -5.11 -2.85
CA SER A 21 5.81 -4.69 -4.09
C SER A 21 6.83 -4.30 -5.15
N ARG A 1 7.35 2.07 -2.62
CA ARG A 1 6.44 3.01 -1.91
C ARG A 1 6.02 2.47 -0.55
N PRO A 2 6.05 3.32 0.50
CA PRO A 2 5.67 2.93 1.85
C PRO A 2 4.17 3.01 2.09
N PRO A 3 3.66 2.36 3.16
CA PRO A 3 2.23 2.38 3.50
C PRO A 3 1.65 3.80 3.51
N PRO A 4 0.68 4.09 2.63
CA PRO A 4 0.06 5.40 2.55
C PRO A 4 -1.00 5.63 3.63
N SER A 5 -1.16 6.88 4.05
CA SER A 5 -2.14 7.25 5.08
C SER A 5 -3.57 6.97 4.61
N ASP A 6 -3.95 7.57 3.48
CA ASP A 6 -5.28 7.39 2.92
C ASP A 6 -5.71 5.92 2.98
N ALA A 8 -7.93 4.29 1.13
CA ALA A 8 -8.06 3.67 -0.19
C ALA A 8 -6.74 3.03 -0.64
N ALA A 9 -5.67 3.84 -0.65
CA ALA A 9 -4.39 3.40 -1.18
C ALA A 9 -3.75 2.33 -0.28
N TYR A 10 -4.04 2.39 1.02
CA TYR A 10 -3.50 1.43 1.98
C TYR A 10 -3.93 0.00 1.63
N ALA A 11 -5.13 -0.15 1.06
CA ALA A 11 -5.67 -1.46 0.70
C ALA A 11 -4.92 -2.03 -0.50
N GLN A 12 -4.84 -1.24 -1.58
CA GLN A 12 -4.13 -1.67 -2.79
C GLN A 12 -2.66 -1.93 -2.49
N TRP A 13 -2.10 -1.13 -1.58
CA TRP A 13 -0.71 -1.27 -1.17
C TRP A 13 -0.46 -2.69 -0.67
N LEU A 14 -1.38 -3.20 0.16
CA LEU A 14 -1.28 -4.55 0.70
C LEU A 14 -1.38 -5.58 -0.43
N ALA A 15 -2.33 -5.35 -1.34
CA ALA A 15 -2.56 -6.24 -2.49
C ALA A 15 -1.30 -6.37 -3.36
N ASP A 16 -0.49 -5.30 -3.40
CA ASP A 16 0.73 -5.31 -4.20
C ASP A 16 1.94 -5.84 -3.42
N GLY A 18 2.58 -4.99 -0.31
CA GLY A 18 3.02 -3.95 0.60
C GLY A 18 4.38 -3.38 0.24
N TRP A 19 5.42 -3.78 1.00
CA TRP A 19 6.78 -3.31 0.75
C TRP A 19 7.32 -3.85 -0.57
N ALA A 20 6.81 -5.00 -1.01
CA ALA A 20 7.23 -5.61 -2.27
C ALA A 20 6.33 -5.16 -3.42
N SER A 21 5.98 -3.86 -3.42
CA SER A 21 5.12 -3.31 -4.46
C SER A 21 5.94 -2.64 -5.57
N ARG A 1 7.27 1.97 -2.38
CA ARG A 1 6.51 2.96 -1.56
C ARG A 1 6.01 2.33 -0.26
N PRO A 2 6.09 3.09 0.86
CA PRO A 2 5.64 2.60 2.17
C PRO A 2 4.13 2.75 2.38
N PRO A 3 3.58 2.06 3.40
CA PRO A 3 2.14 2.11 3.70
C PRO A 3 1.62 3.55 3.81
N PRO A 4 0.66 3.93 2.94
CA PRO A 4 0.09 5.29 2.96
C PRO A 4 -1.00 5.45 4.02
N SER A 5 -1.15 6.68 4.52
CA SER A 5 -2.16 6.98 5.54
C SER A 5 -3.58 6.79 4.99
N ASP A 6 -3.91 7.51 3.93
CA ASP A 6 -5.24 7.43 3.31
C ASP A 6 -5.71 5.98 3.18
N ALA A 8 -7.83 4.66 0.95
CA ALA A 8 -7.88 4.19 -0.44
C ALA A 8 -6.56 3.55 -0.85
N ALA A 9 -5.46 4.29 -0.71
CA ALA A 9 -4.16 3.84 -1.20
C ALA A 9 -3.65 2.66 -0.37
N TYR A 10 -4.05 2.60 0.90
CA TYR A 10 -3.61 1.53 1.80
C TYR A 10 -4.07 0.16 1.29
N ALA A 11 -5.24 0.13 0.65
CA ALA A 11 -5.81 -1.11 0.11
C ALA A 11 -5.01 -1.60 -1.09
N GLN A 12 -4.82 -0.72 -2.08
CA GLN A 12 -4.05 -1.06 -3.28
C GLN A 12 -2.62 -1.42 -2.92
N TRP A 13 -2.09 -0.75 -1.88
CA TRP A 13 -0.73 -1.00 -1.40
C TRP A 13 -0.58 -2.48 -1.01
N LEU A 14 -1.58 -3.00 -0.28
CA LEU A 14 -1.58 -4.40 0.13
C LEU A 14 -1.64 -5.32 -1.08
N ALA A 15 -2.49 -4.95 -2.05
CA ALA A 15 -2.67 -5.73 -3.28
C ALA A 15 -1.36 -5.91 -4.05
N ASP A 16 -0.49 -4.90 -4.00
CA ASP A 16 0.79 -4.95 -4.70
C ASP A 16 1.87 -5.68 -3.89
N GLY A 18 2.50 -4.80 -0.66
CA GLY A 18 2.89 -3.90 0.42
C GLY A 18 4.37 -3.57 0.39
N TRP A 19 5.12 -4.12 1.34
CA TRP A 19 6.57 -3.88 1.42
C TRP A 19 7.30 -4.60 0.28
N ALA A 20 6.77 -5.75 -0.15
CA ALA A 20 7.37 -6.53 -1.23
C ALA A 20 6.73 -6.15 -2.58
N SER A 21 6.51 -4.86 -2.79
CA SER A 21 5.91 -4.37 -4.03
C SER A 21 6.99 -3.92 -5.02
N ARG A 1 7.37 2.26 -2.27
CA ARG A 1 6.45 3.13 -1.48
C ARG A 1 5.96 2.43 -0.20
N PRO A 2 5.99 3.14 0.95
CA PRO A 2 5.57 2.58 2.23
C PRO A 2 4.06 2.71 2.45
N PRO A 3 3.52 2.01 3.47
CA PRO A 3 2.08 2.04 3.79
C PRO A 3 1.55 3.47 3.93
N PRO A 4 0.62 3.88 3.06
CA PRO A 4 0.04 5.23 3.10
C PRO A 4 -1.05 5.37 4.17
N SER A 5 -1.20 6.57 4.71
CA SER A 5 -2.22 6.86 5.72
C SER A 5 -3.63 6.71 5.14
N ASP A 6 -3.91 7.43 4.06
CA ASP A 6 -5.22 7.38 3.41
C ASP A 6 -5.72 5.94 3.29
N ALA A 8 -7.90 4.65 1.13
CA ALA A 8 -7.95 4.18 -0.26
C ALA A 8 -6.64 3.52 -0.68
N ALA A 9 -5.54 4.28 -0.56
CA ALA A 9 -4.25 3.84 -1.07
C ALA A 9 -3.71 2.64 -0.28
N TYR A 10 -4.08 2.56 1.01
CA TYR A 10 -3.62 1.47 1.86
C TYR A 10 -4.08 0.11 1.32
N ALA A 11 -5.25 0.08 0.69
CA ALA A 11 -5.80 -1.15 0.13
C ALA A 11 -5.01 -1.62 -1.08
N GLN A 12 -4.85 -0.71 -2.06
CA GLN A 12 -4.10 -1.02 -3.28
C GLN A 12 -2.65 -1.37 -2.93
N TRP A 13 -2.12 -0.72 -1.89
CA TRP A 13 -0.76 -0.96 -1.44
C TRP A 13 -0.58 -2.44 -1.08
N LEU A 14 -1.56 -2.99 -0.36
CA LEU A 14 -1.53 -4.40 0.02
C LEU A 14 -1.60 -5.29 -1.21
N ALA A 15 -2.47 -4.91 -2.16
CA ALA A 15 -2.65 -5.66 -3.40
C ALA A 15 -1.36 -5.74 -4.22
N ASP A 16 -0.52 -4.72 -4.13
CA ASP A 16 0.75 -4.69 -4.85
C ASP A 16 1.86 -5.46 -4.11
N GLY A 18 2.58 -4.67 -0.82
CA GLY A 18 2.98 -3.82 0.29
C GLY A 18 4.48 -3.54 0.30
N TRP A 19 5.19 -4.15 1.24
CA TRP A 19 6.63 -3.97 1.36
C TRP A 19 7.37 -4.73 0.25
N ALA A 20 6.80 -5.85 -0.19
CA ALA A 20 7.39 -6.65 -1.25
C ALA A 20 6.80 -6.30 -2.62
N SER A 21 6.60 -4.99 -2.86
CA SER A 21 6.04 -4.51 -4.11
C SER A 21 7.15 -4.08 -5.07
N ARG A 1 7.04 1.42 -3.07
CA ARG A 1 6.42 2.55 -2.32
C ARG A 1 6.04 2.14 -0.90
N PRO A 2 6.15 3.06 0.07
CA PRO A 2 5.84 2.78 1.48
C PRO A 2 4.34 2.88 1.78
N PRO A 3 3.90 2.36 2.95
CA PRO A 3 2.48 2.38 3.34
C PRO A 3 1.92 3.80 3.32
N PRO A 4 0.88 4.06 2.50
CA PRO A 4 0.25 5.38 2.40
C PRO A 4 -0.75 5.64 3.53
N SER A 5 -0.82 6.89 3.98
CA SER A 5 -1.73 7.30 5.05
C SER A 5 -3.20 7.00 4.70
N ASP A 6 -3.63 7.47 3.52
CA ASP A 6 -5.03 7.36 3.10
C ASP A 6 -5.55 5.92 3.25
N ALA A 8 -7.98 4.30 1.35
CA ALA A 8 -8.15 3.62 0.07
C ALA A 8 -6.84 3.02 -0.43
N ALA A 9 -5.80 3.86 -0.55
CA ALA A 9 -4.53 3.41 -1.13
C ALA A 9 -3.85 2.36 -0.25
N TYR A 10 -4.10 2.42 1.07
CA TYR A 10 -3.50 1.47 2.01
C TYR A 10 -3.92 0.03 1.67
N ALA A 11 -5.14 -0.12 1.15
CA ALA A 11 -5.67 -1.44 0.80
C ALA A 11 -4.92 -2.01 -0.41
N GLN A 12 -4.88 -1.23 -1.50
CA GLN A 12 -4.17 -1.66 -2.71
C GLN A 12 -2.70 -1.92 -2.41
N TRP A 13 -2.13 -1.10 -1.52
CA TRP A 13 -0.74 -1.24 -1.10
C TRP A 13 -0.48 -2.65 -0.60
N LEU A 14 -1.38 -3.16 0.25
CA LEU A 14 -1.28 -4.51 0.79
C LEU A 14 -1.37 -5.54 -0.33
N ALA A 15 -2.31 -5.30 -1.26
CA ALA A 15 -2.53 -6.20 -2.40
C ALA A 15 -1.28 -6.29 -3.29
N ASP A 16 -0.50 -5.21 -3.34
CA ASP A 16 0.72 -5.18 -4.16
C ASP A 16 1.93 -5.76 -3.40
N GLY A 18 2.61 -4.92 -0.18
CA GLY A 18 3.08 -3.92 0.76
C GLY A 18 4.41 -3.30 0.36
N TRP A 19 5.48 -3.69 1.06
CA TRP A 19 6.82 -3.19 0.77
C TRP A 19 7.32 -3.65 -0.60
N ALA A 20 6.83 -4.80 -1.05
CA ALA A 20 7.21 -5.35 -2.35
C ALA A 20 6.25 -4.86 -3.45
N SER A 21 5.87 -3.59 -3.37
CA SER A 21 4.96 -3.00 -4.35
C SER A 21 5.72 -2.20 -5.41
N ARG A 1 6.88 2.07 -2.74
CA ARG A 1 6.16 3.00 -1.82
C ARG A 1 5.75 2.31 -0.52
N PRO A 2 5.90 3.00 0.62
CA PRO A 2 5.54 2.45 1.94
C PRO A 2 4.04 2.57 2.22
N PRO A 3 3.58 1.96 3.33
CA PRO A 3 2.16 1.98 3.73
C PRO A 3 1.64 3.40 3.93
N PRO A 4 0.71 3.85 3.05
CA PRO A 4 0.13 5.19 3.14
C PRO A 4 -1.03 5.26 4.13
N SER A 5 -1.04 6.33 4.93
CA SER A 5 -2.10 6.56 5.91
C SER A 5 -3.49 6.48 5.30
N ASP A 6 -3.74 7.33 4.29
CA ASP A 6 -5.02 7.33 3.57
C ASP A 6 -5.53 5.92 3.34
N ALA A 8 -7.69 4.78 1.07
CA ALA A 8 -7.75 4.40 -0.34
C ALA A 8 -6.44 3.75 -0.80
N ALA A 9 -5.33 4.47 -0.65
CA ALA A 9 -4.04 4.01 -1.15
C ALA A 9 -3.55 2.78 -0.37
N TYR A 10 -3.95 2.69 0.90
CA TYR A 10 -3.52 1.57 1.75
C TYR A 10 -4.02 0.24 1.17
N ALA A 11 -5.19 0.27 0.53
CA ALA A 11 -5.78 -0.94 -0.05
C ALA A 11 -4.96 -1.42 -1.26
N GLN A 12 -4.72 -0.50 -2.21
CA GLN A 12 -3.93 -0.82 -3.40
C GLN A 12 -2.52 -1.26 -3.00
N TRP A 13 -1.98 -0.60 -1.97
CA TRP A 13 -0.65 -0.93 -1.45
C TRP A 13 -0.56 -2.41 -1.09
N LEU A 14 -1.58 -2.90 -0.37
CA LEU A 14 -1.65 -4.31 0.02
C LEU A 14 -1.72 -5.20 -1.21
N ALA A 15 -2.55 -4.81 -2.17
CA ALA A 15 -2.74 -5.56 -3.41
C ALA A 15 -1.44 -5.70 -4.21
N ASP A 16 -0.57 -4.68 -4.10
CA ASP A 16 0.70 -4.69 -4.82
C ASP A 16 1.77 -5.50 -4.07
N GLY A 18 2.46 -4.74 -0.74
CA GLY A 18 2.86 -3.93 0.39
C GLY A 18 4.36 -3.66 0.41
N TRP A 19 5.05 -4.20 1.42
CA TRP A 19 6.49 -4.02 1.55
C TRP A 19 7.24 -4.79 0.47
N ALA A 20 6.67 -5.92 0.04
CA ALA A 20 7.27 -6.75 -1.00
C ALA A 20 6.70 -6.41 -2.38
N SER A 21 6.51 -5.11 -2.64
CA SER A 21 5.97 -4.65 -3.91
C SER A 21 7.08 -4.24 -4.86
N ARG A 1 7.17 2.16 -2.93
CA ARG A 1 6.31 3.13 -2.19
C ARG A 1 5.96 2.60 -0.80
N PRO A 2 6.03 3.47 0.22
CA PRO A 2 5.72 3.10 1.61
C PRO A 2 4.22 3.17 1.91
N PRO A 3 3.78 2.51 3.00
CA PRO A 3 2.36 2.52 3.41
C PRO A 3 1.77 3.93 3.44
N PRO A 4 0.76 4.20 2.60
CA PRO A 4 0.12 5.52 2.52
C PRO A 4 -0.91 5.73 3.64
N SER A 5 -1.05 6.98 4.08
CA SER A 5 -2.01 7.34 5.14
C SER A 5 -3.45 7.02 4.72
N ASP A 6 -3.85 7.51 3.54
CA ASP A 6 -5.22 7.34 3.05
C ASP A 6 -5.68 5.89 3.19
N ALA A 8 -7.99 4.20 1.22
CA ALA A 8 -8.13 3.51 -0.08
C ALA A 8 -6.81 2.91 -0.54
N ALA A 9 -5.77 3.74 -0.64
CA ALA A 9 -4.49 3.31 -1.18
C ALA A 9 -3.81 2.29 -0.26
N TYR A 10 -4.06 2.39 1.04
CA TYR A 10 -3.45 1.47 2.02
C TYR A 10 -3.84 0.02 1.72
N ALA A 11 -5.08 -0.18 1.26
CA ALA A 11 -5.58 -1.52 0.94
C ALA A 11 -4.88 -2.10 -0.27
N GLN A 12 -4.89 -1.35 -1.38
CA GLN A 12 -4.23 -1.79 -2.61
C GLN A 12 -2.74 -2.02 -2.37
N TRP A 13 -2.15 -1.18 -1.51
CA TRP A 13 -0.74 -1.29 -1.15
C TRP A 13 -0.43 -2.69 -0.63
N LEU A 14 -1.31 -3.20 0.25
CA LEU A 14 -1.16 -4.54 0.81
C LEU A 14 -1.29 -5.60 -0.29
N ALA A 15 -2.27 -5.40 -1.18
CA ALA A 15 -2.52 -6.32 -2.28
C ALA A 15 -1.30 -6.50 -3.18
N ASP A 16 -0.49 -5.44 -3.30
CA ASP A 16 0.71 -5.49 -4.14
C ASP A 16 1.93 -6.01 -3.36
N GLY A 18 2.69 -4.95 -0.27
CA GLY A 18 3.20 -3.86 0.54
C GLY A 18 4.49 -3.27 0.02
N TRP A 19 5.61 -3.63 0.65
CA TRP A 19 6.92 -3.15 0.24
C TRP A 19 7.35 -3.77 -1.08
N ALA A 20 6.94 -5.01 -1.33
CA ALA A 20 7.26 -5.71 -2.56
C ALA A 20 6.60 -5.04 -3.78
N SER A 21 5.60 -4.19 -3.52
CA SER A 21 4.89 -3.48 -4.59
C SER A 21 5.87 -2.79 -5.55
N ARG A 1 6.93 1.75 -2.63
CA ARG A 1 6.25 2.86 -1.91
C ARG A 1 5.82 2.43 -0.51
N PRO A 2 6.15 3.22 0.53
CA PRO A 2 5.78 2.90 1.91
C PRO A 2 4.26 2.97 2.14
N PRO A 3 3.76 2.32 3.20
CA PRO A 3 2.33 2.30 3.53
C PRO A 3 1.73 3.71 3.62
N PRO A 4 0.74 4.03 2.78
CA PRO A 4 0.10 5.34 2.77
C PRO A 4 -1.01 5.45 3.83
N SER A 5 -1.07 6.61 4.48
CA SER A 5 -2.09 6.88 5.50
C SER A 5 -3.51 6.70 4.94
N ASP A 6 -3.80 7.38 3.82
CA ASP A 6 -5.12 7.29 3.18
C ASP A 6 -5.61 5.85 3.13
N ALA A 8 -7.86 4.46 1.09
CA ALA A 8 -7.95 3.94 -0.28
C ALA A 8 -6.63 3.31 -0.73
N ALA A 9 -5.56 4.09 -0.67
CA ALA A 9 -4.26 3.65 -1.20
C ALA A 9 -3.69 2.51 -0.36
N TYR A 10 -4.01 2.49 0.94
CA TYR A 10 -3.51 1.45 1.84
C TYR A 10 -3.96 0.07 1.40
N ALA A 11 -5.17 0.00 0.80
CA ALA A 11 -5.73 -1.27 0.34
C ALA A 11 -4.96 -1.80 -0.87
N GLN A 12 -4.82 -0.96 -1.90
CA GLN A 12 -4.09 -1.34 -3.11
C GLN A 12 -2.64 -1.68 -2.77
N TRP A 13 -2.09 -0.95 -1.78
CA TRP A 13 -0.72 -1.18 -1.33
C TRP A 13 -0.54 -2.63 -0.87
N LEU A 14 -1.48 -3.09 -0.04
CA LEU A 14 -1.46 -4.47 0.46
C LEU A 14 -1.55 -5.47 -0.70
N ALA A 15 -2.44 -5.16 -1.66
CA ALA A 15 -2.65 -6.02 -2.83
C ALA A 15 -1.37 -6.18 -3.66
N ASP A 16 -0.51 -5.16 -3.67
CA ASP A 16 0.74 -5.21 -4.42
C ASP A 16 1.89 -5.80 -3.60
N GLY A 18 2.47 -4.90 -0.44
CA GLY A 18 2.89 -3.90 0.52
C GLY A 18 4.32 -3.42 0.30
N TRP A 19 5.22 -3.80 1.20
CA TRP A 19 6.63 -3.42 1.09
C TRP A 19 7.28 -4.04 -0.14
N ALA A 20 6.80 -5.22 -0.54
CA ALA A 20 7.32 -5.91 -1.72
C ALA A 20 6.52 -5.52 -2.97
N SER A 21 6.24 -4.23 -3.12
CA SER A 21 5.49 -3.72 -4.26
C SER A 21 6.43 -3.20 -5.34
N ARG A 1 6.83 2.24 -2.35
CA ARG A 1 6.14 3.27 -1.52
C ARG A 1 5.62 2.69 -0.20
N PRO A 2 6.07 3.22 0.95
CA PRO A 2 5.64 2.74 2.27
C PRO A 2 4.13 2.90 2.49
N PRO A 3 3.55 2.13 3.43
CA PRO A 3 2.12 2.18 3.73
C PRO A 3 1.59 3.61 3.86
N PRO A 4 0.66 4.01 2.97
CA PRO A 4 0.09 5.36 2.99
C PRO A 4 -1.02 5.51 4.03
N SER A 5 -1.14 6.72 4.60
CA SER A 5 -2.17 7.01 5.59
C SER A 5 -3.58 6.84 5.00
N ASP A 6 -3.88 7.60 3.95
CA ASP A 6 -5.18 7.53 3.29
C ASP A 6 -5.67 6.08 3.18
N ALA A 8 -7.81 4.74 1.02
CA ALA A 8 -7.87 4.25 -0.36
C ALA A 8 -6.55 3.60 -0.78
N ALA A 9 -5.45 4.34 -0.65
CA ALA A 9 -4.15 3.90 -1.14
C ALA A 9 -3.62 2.72 -0.33
N TYR A 10 -4.00 2.66 0.95
CA TYR A 10 -3.55 1.59 1.84
C TYR A 10 -4.01 0.22 1.33
N ALA A 11 -5.19 0.18 0.70
CA ALA A 11 -5.76 -1.06 0.18
C ALA A 11 -4.98 -1.56 -1.03
N GLN A 12 -4.78 -0.66 -2.01
CA GLN A 12 -4.03 -1.01 -3.23
C GLN A 12 -2.59 -1.38 -2.87
N TRP A 13 -2.05 -0.73 -1.84
CA TRP A 13 -0.69 -1.00 -1.38
C TRP A 13 -0.56 -2.48 -0.99
N LEU A 14 -1.56 -2.99 -0.28
CA LEU A 14 -1.57 -4.41 0.13
C LEU A 14 -1.67 -5.31 -1.10
N ALA A 15 -2.53 -4.93 -2.05
CA ALA A 15 -2.73 -5.70 -3.28
C ALA A 15 -1.45 -5.86 -4.08
N ASP A 16 -0.56 -4.86 -4.01
CA ASP A 16 0.71 -4.90 -4.74
C ASP A 16 1.80 -5.65 -3.96
N GLY A 18 2.56 -4.76 -0.78
CA GLY A 18 3.03 -3.85 0.25
C GLY A 18 4.53 -3.64 0.21
N TRP A 19 5.24 -4.21 1.20
CA TRP A 19 6.69 -4.09 1.28
C TRP A 19 7.36 -4.94 0.20
N ALA A 20 6.73 -6.06 -0.17
CA ALA A 20 7.27 -6.94 -1.21
C ALA A 20 6.68 -6.59 -2.58
N SER A 21 6.60 -5.30 -2.87
CA SER A 21 6.07 -4.83 -4.15
C SER A 21 7.20 -4.44 -5.11
N ARG A 1 7.51 1.53 -2.33
CA ARG A 1 6.68 2.57 -1.64
C ARG A 1 6.16 2.08 -0.29
N PRO A 2 6.20 2.94 0.74
CA PRO A 2 5.74 2.59 2.09
C PRO A 2 4.23 2.74 2.27
N PRO A 3 3.67 2.13 3.33
CA PRO A 3 2.23 2.21 3.62
C PRO A 3 1.71 3.65 3.64
N PRO A 4 0.73 3.99 2.77
CA PRO A 4 0.18 5.33 2.70
C PRO A 4 -0.88 5.59 3.78
N SER A 5 -0.99 6.84 4.22
CA SER A 5 -1.97 7.23 5.24
C SER A 5 -3.41 7.00 4.76
N ASP A 6 -3.76 7.57 3.61
CA ASP A 6 -5.12 7.49 3.07
C ASP A 6 -5.66 6.06 3.12
N ALA A 8 -7.98 4.56 1.01
CA ALA A 8 -8.10 3.94 -0.32
C ALA A 8 -6.78 3.30 -0.76
N ALA A 9 -5.71 4.10 -0.74
CA ALA A 9 -4.41 3.65 -1.25
C ALA A 9 -3.83 2.52 -0.39
N TYR A 10 -4.16 2.54 0.91
CA TYR A 10 -3.65 1.53 1.84
C TYR A 10 -4.09 0.12 1.42
N ALA A 11 -5.28 0.02 0.81
CA ALA A 11 -5.81 -1.26 0.37
C ALA A 11 -5.03 -1.80 -0.82
N GLN A 12 -4.87 -0.98 -1.86
CA GLN A 12 -4.12 -1.37 -3.05
C GLN A 12 -2.67 -1.68 -2.68
N TRP A 13 -2.14 -0.92 -1.72
CA TRP A 13 -0.76 -1.13 -1.25
C TRP A 13 -0.59 -2.58 -0.79
N LEU A 14 -1.56 -3.08 -0.02
CA LEU A 14 -1.53 -4.46 0.46
C LEU A 14 -1.59 -5.43 -0.72
N ALA A 15 -2.48 -5.15 -1.66
CA ALA A 15 -2.67 -5.99 -2.86
C ALA A 15 -1.40 -6.10 -3.69
N ASP A 16 -0.57 -5.05 -3.67
CA ASP A 16 0.68 -5.03 -4.42
C ASP A 16 1.85 -5.66 -3.63
N GLY A 18 2.55 -4.75 -0.53
CA GLY A 18 2.99 -3.78 0.46
C GLY A 18 4.44 -3.39 0.29
N TRP A 19 5.29 -3.91 1.18
CA TRP A 19 6.73 -3.62 1.13
C TRP A 19 7.38 -4.29 -0.07
N ALA A 20 6.83 -5.44 -0.50
CA ALA A 20 7.36 -6.18 -1.64
C ALA A 20 6.63 -5.78 -2.92
N SER A 21 6.40 -4.48 -3.09
CA SER A 21 5.71 -3.96 -4.28
C SER A 21 6.71 -3.46 -5.31
N ARG A 1 6.93 1.98 -2.87
CA ARG A 1 6.21 2.97 -2.02
C ARG A 1 5.84 2.37 -0.66
N PRO A 2 5.98 3.17 0.42
CA PRO A 2 5.66 2.72 1.78
C PRO A 2 4.16 2.82 2.08
N PRO A 3 3.72 2.22 3.21
CA PRO A 3 2.32 2.24 3.62
C PRO A 3 1.75 3.67 3.68
N PRO A 4 0.77 3.98 2.81
CA PRO A 4 0.15 5.32 2.76
C PRO A 4 -0.89 5.53 3.86
N SER A 5 -1.05 6.77 4.29
CA SER A 5 -2.05 7.12 5.31
C SER A 5 -3.46 6.92 4.80
N ASP A 6 -3.72 7.34 3.55
CA ASP A 6 -5.07 7.31 2.99
C ASP A 6 -5.64 5.90 2.97
N ALA A 8 -7.85 4.47 0.92
CA ALA A 8 -7.90 3.88 -0.42
C ALA A 8 -6.56 3.21 -0.77
N ALA A 9 -5.48 3.99 -0.71
CA ALA A 9 -4.18 3.53 -1.19
C ALA A 9 -3.63 2.41 -0.30
N TYR A 10 -3.97 2.44 0.99
CA TYR A 10 -3.51 1.42 1.93
C TYR A 10 -3.97 0.03 1.52
N ALA A 11 -5.16 -0.06 0.92
CA ALA A 11 -5.73 -1.34 0.50
C ALA A 11 -4.97 -1.89 -0.71
N GLN A 12 -4.86 -1.09 -1.76
CA GLN A 12 -4.13 -1.49 -2.97
C GLN A 12 -2.68 -1.81 -2.64
N TRP A 13 -2.12 -1.06 -1.67
CA TRP A 13 -0.75 -1.26 -1.23
C TRP A 13 -0.55 -2.70 -0.75
N LEU A 14 -1.47 -3.16 0.10
CA LEU A 14 -1.42 -4.54 0.62
C LEU A 14 -1.53 -5.55 -0.53
N ALA A 15 -2.45 -5.29 -1.46
CA ALA A 15 -2.68 -6.16 -2.61
C ALA A 15 -1.42 -6.37 -3.44
N ASP A 16 -0.60 -5.31 -3.57
CA ASP A 16 0.63 -5.38 -4.35
C ASP A 16 1.80 -5.98 -3.55
N GLY A 18 2.67 -4.62 -0.49
CA GLY A 18 3.14 -3.57 0.39
C GLY A 18 4.60 -3.21 0.15
N TRP A 19 5.48 -3.70 1.03
CA TRP A 19 6.91 -3.43 0.90
C TRP A 19 7.47 -4.05 -0.38
N ALA A 20 6.88 -5.17 -0.81
CA ALA A 20 7.30 -5.84 -2.04
C ALA A 20 6.39 -5.44 -3.21
N SER A 21 5.94 -4.18 -3.20
CA SER A 21 5.05 -3.66 -4.25
C SER A 21 5.86 -3.01 -5.37
N ARG A 1 6.52 2.08 -3.41
CA ARG A 1 5.91 3.10 -2.52
C ARG A 1 5.67 2.55 -1.11
N PRO A 2 5.82 3.40 -0.07
CA PRO A 2 5.62 3.00 1.32
C PRO A 2 4.15 3.02 1.73
N PRO A 3 3.84 2.49 2.93
CA PRO A 3 2.47 2.45 3.45
C PRO A 3 1.83 3.84 3.53
N PRO A 4 0.81 4.11 2.70
CA PRO A 4 0.13 5.41 2.67
C PRO A 4 -0.96 5.52 3.74
N SER A 5 -1.00 6.68 4.41
CA SER A 5 -2.01 6.95 5.44
C SER A 5 -3.43 6.76 4.90
N ASP A 6 -3.76 7.46 3.82
CA ASP A 6 -5.07 7.34 3.18
C ASP A 6 -5.55 5.89 3.19
N ALA A 8 -7.87 4.32 1.30
CA ALA A 8 -8.01 3.73 -0.03
C ALA A 8 -6.69 3.10 -0.50
N ALA A 9 -5.63 3.90 -0.48
CA ALA A 9 -4.34 3.48 -1.05
C ALA A 9 -3.69 2.40 -0.18
N TYR A 10 -3.95 2.42 1.12
CA TYR A 10 -3.37 1.45 2.05
C TYR A 10 -3.81 0.03 1.69
N ALA A 11 -5.04 -0.10 1.16
CA ALA A 11 -5.58 -1.40 0.80
C ALA A 11 -4.87 -1.97 -0.43
N GLN A 12 -4.81 -1.17 -1.50
CA GLN A 12 -4.13 -1.60 -2.73
C GLN A 12 -2.66 -1.89 -2.44
N TRP A 13 -2.06 -1.08 -1.56
CA TRP A 13 -0.67 -1.24 -1.17
C TRP A 13 -0.42 -2.66 -0.65
N LEU A 14 -1.31 -3.11 0.26
CA LEU A 14 -1.22 -4.46 0.82
C LEU A 14 -1.36 -5.52 -0.28
N ALA A 15 -2.34 -5.31 -1.17
CA ALA A 15 -2.61 -6.23 -2.27
C ALA A 15 -1.39 -6.38 -3.20
N ASP A 16 -0.59 -5.33 -3.30
CA ASP A 16 0.60 -5.35 -4.15
C ASP A 16 1.83 -5.88 -3.40
N GLY A 18 2.61 -4.93 -0.34
CA GLY A 18 3.09 -3.87 0.54
C GLY A 18 4.44 -3.32 0.12
N TRP A 19 5.50 -3.75 0.80
CA TRP A 19 6.85 -3.30 0.50
C TRP A 19 7.34 -3.85 -0.84
N ALA A 20 6.82 -5.03 -1.22
CA ALA A 20 7.19 -5.65 -2.49
C ALA A 20 6.23 -5.25 -3.61
N SER A 21 5.86 -3.96 -3.63
CA SER A 21 4.94 -3.44 -4.64
C SER A 21 5.71 -2.79 -5.79
N ARG A 1 6.79 1.61 -3.10
CA ARG A 1 6.18 2.75 -2.37
C ARG A 1 5.77 2.37 -0.95
N PRO A 2 6.19 3.14 0.06
CA PRO A 2 5.86 2.86 1.48
C PRO A 2 4.34 2.91 1.73
N PRO A 3 3.89 2.35 2.88
CA PRO A 3 2.47 2.33 3.24
C PRO A 3 1.87 3.74 3.33
N PRO A 4 0.83 4.02 2.51
CA PRO A 4 0.17 5.33 2.50
C PRO A 4 -0.85 5.48 3.63
N SER A 5 -0.83 6.64 4.28
CA SER A 5 -1.75 6.95 5.39
C SER A 5 -3.21 6.71 5.00
N ASP A 6 -3.64 7.27 3.85
CA ASP A 6 -5.03 7.21 3.41
C ASP A 6 -5.56 5.78 3.46
N ALA A 8 -7.98 4.29 1.40
CA ALA A 8 -8.14 3.68 0.07
C ALA A 8 -6.83 3.10 -0.44
N ALA A 9 -5.80 3.94 -0.54
CA ALA A 9 -4.52 3.52 -1.13
C ALA A 9 -3.85 2.44 -0.29
N TYR A 10 -4.08 2.46 1.03
CA TYR A 10 -3.47 1.46 1.92
C TYR A 10 -3.91 0.05 1.54
N ALA A 11 -5.14 -0.08 1.04
CA ALA A 11 -5.69 -1.38 0.65
C ALA A 11 -4.94 -1.93 -0.56
N GLN A 12 -4.84 -1.12 -1.62
CA GLN A 12 -4.13 -1.53 -2.83
C GLN A 12 -2.66 -1.83 -2.50
N TRP A 13 -2.09 -1.04 -1.59
CA TRP A 13 -0.71 -1.23 -1.15
C TRP A 13 -0.50 -2.67 -0.66
N LEU A 14 -1.42 -3.13 0.19
CA LEU A 14 -1.37 -4.49 0.73
C LEU A 14 -1.47 -5.52 -0.39
N ALA A 15 -2.37 -5.25 -1.35
CA ALA A 15 -2.59 -6.14 -2.49
C ALA A 15 -1.32 -6.34 -3.32
N ASP A 16 -0.48 -5.30 -3.37
CA ASP A 16 0.77 -5.36 -4.14
C ASP A 16 1.94 -5.88 -3.29
N GLY A 18 2.58 -4.83 -0.28
CA GLY A 18 3.06 -3.72 0.54
C GLY A 18 4.43 -3.22 0.13
N TRP A 19 5.45 -3.57 0.91
CA TRP A 19 6.82 -3.16 0.64
C TRP A 19 7.33 -3.75 -0.68
N ALA A 20 6.82 -4.94 -1.04
CA ALA A 20 7.21 -5.59 -2.28
C ALA A 20 6.28 -5.20 -3.43
N SER A 21 5.92 -3.92 -3.50
CA SER A 21 5.03 -3.41 -4.55
C SER A 21 5.84 -2.85 -5.72
N ARG A 1 6.83 2.05 -2.69
CA ARG A 1 6.13 3.13 -1.95
C ARG A 1 5.66 2.64 -0.57
N PRO A 2 6.13 3.30 0.52
CA PRO A 2 5.76 2.93 1.89
C PRO A 2 4.25 3.05 2.14
N PRO A 3 3.74 2.31 3.16
CA PRO A 3 2.31 2.33 3.50
C PRO A 3 1.74 3.75 3.56
N PRO A 4 0.73 4.06 2.71
CA PRO A 4 0.11 5.39 2.68
C PRO A 4 -0.94 5.57 3.78
N SER A 5 -1.08 6.80 4.25
CA SER A 5 -2.08 7.14 5.27
C SER A 5 -3.51 6.93 4.75
N ASP A 6 -3.79 7.45 3.55
CA ASP A 6 -5.13 7.37 2.97
C ASP A 6 -5.66 5.94 3.00
N ALA A 8 -7.91 4.45 1.04
CA ALA A 8 -7.98 3.83 -0.28
C ALA A 8 -6.65 3.19 -0.67
N ALA A 9 -5.58 3.98 -0.63
CA ALA A 9 -4.29 3.54 -1.14
C ALA A 9 -3.69 2.44 -0.27
N TYR A 10 -4.02 2.46 1.03
CA TYR A 10 -3.51 1.45 1.96
C TYR A 10 -3.96 0.05 1.56
N ALA A 11 -5.16 -0.06 0.97
CA ALA A 11 -5.72 -1.34 0.56
C ALA A 11 -4.96 -1.89 -0.65
N GLN A 12 -4.85 -1.07 -1.71
CA GLN A 12 -4.13 -1.48 -2.92
C GLN A 12 -2.67 -1.79 -2.59
N TRP A 13 -2.10 -1.03 -1.64
CA TRP A 13 -0.72 -1.23 -1.22
C TRP A 13 -0.52 -2.67 -0.74
N LEU A 14 -1.46 -3.16 0.08
CA LEU A 14 -1.40 -4.54 0.58
C LEU A 14 -1.50 -5.53 -0.57
N ALA A 15 -2.40 -5.24 -1.52
CA ALA A 15 -2.61 -6.10 -2.68
C ALA A 15 -1.34 -6.30 -3.50
N ASP A 16 -0.48 -5.28 -3.53
CA ASP A 16 0.78 -5.34 -4.29
C ASP A 16 1.93 -5.90 -3.45
N GLY A 18 2.54 -4.95 -0.40
CA GLY A 18 3.00 -3.89 0.49
C GLY A 18 4.40 -3.41 0.15
N TRP A 19 5.36 -3.76 1.01
CA TRP A 19 6.76 -3.36 0.80
C TRP A 19 7.34 -3.98 -0.46
N ALA A 20 6.85 -5.17 -0.83
CA ALA A 20 7.30 -5.87 -2.02
C ALA A 20 6.44 -5.50 -3.24
N SER A 21 6.14 -4.20 -3.37
CA SER A 21 5.32 -3.71 -4.48
C SER A 21 6.21 -3.15 -5.60
N ARG A 1 6.31 1.68 -3.46
CA ARG A 1 5.77 2.85 -2.70
C ARG A 1 5.57 2.50 -1.23
N PRO A 2 5.97 3.39 -0.29
CA PRO A 2 5.80 3.14 1.16
C PRO A 2 4.32 3.14 1.57
N PRO A 3 4.02 2.57 2.75
CA PRO A 3 2.64 2.50 3.26
C PRO A 3 1.98 3.89 3.34
N PRO A 4 0.93 4.12 2.52
CA PRO A 4 0.23 5.40 2.50
C PRO A 4 -0.79 5.53 3.64
N SER A 5 -0.82 6.71 4.26
CA SER A 5 -1.74 6.98 5.37
C SER A 5 -3.19 6.71 4.99
N ASP A 6 -3.66 7.33 3.90
CA ASP A 6 -5.06 7.24 3.47
C ASP A 6 -5.55 5.78 3.50
N ALA A 8 -7.87 4.22 1.44
CA ALA A 8 -8.07 3.60 0.13
C ALA A 8 -6.79 2.96 -0.40
N ALA A 9 -5.73 3.77 -0.54
CA ALA A 9 -4.47 3.29 -1.12
C ALA A 9 -3.78 2.26 -0.23
N TYR A 10 -3.97 2.36 1.09
CA TYR A 10 -3.35 1.43 2.03
C TYR A 10 -3.80 -0.01 1.75
N ALA A 11 -5.04 -0.17 1.29
CA ALA A 11 -5.59 -1.49 0.99
C ALA A 11 -4.89 -2.09 -0.23
N GLN A 12 -4.88 -1.35 -1.34
CA GLN A 12 -4.23 -1.81 -2.56
C GLN A 12 -2.74 -2.07 -2.31
N TRP A 13 -2.15 -1.25 -1.44
CA TRP A 13 -0.74 -1.38 -1.07
C TRP A 13 -0.48 -2.78 -0.51
N LEU A 14 -1.32 -3.21 0.42
CA LEU A 14 -1.20 -4.54 1.02
C LEU A 14 -1.34 -5.63 -0.05
N ALA A 15 -2.32 -5.45 -0.94
CA ALA A 15 -2.58 -6.39 -2.02
C ALA A 15 -1.39 -6.52 -2.98
N ASP A 16 -0.60 -5.44 -3.11
CA ASP A 16 0.56 -5.42 -4.00
C ASP A 16 1.83 -5.89 -3.28
N GLY A 18 2.72 -4.82 -0.28
CA GLY A 18 3.22 -3.73 0.52
C GLY A 18 4.53 -3.15 -0.01
N TRP A 19 5.63 -3.47 0.66
CA TRP A 19 6.95 -2.98 0.26
C TRP A 19 7.37 -3.54 -1.10
N ALA A 20 6.86 -4.73 -1.44
CA ALA A 20 7.17 -5.35 -2.72
C ALA A 20 6.12 -4.99 -3.78
N SER A 21 5.70 -3.72 -3.78
CA SER A 21 4.71 -3.23 -4.74
C SER A 21 5.37 -2.59 -5.95
N ARG A 1 6.98 1.85 -2.97
CA ARG A 1 6.31 2.92 -2.18
C ARG A 1 5.95 2.43 -0.78
N PRO A 2 6.04 3.33 0.22
CA PRO A 2 5.72 3.00 1.61
C PRO A 2 4.22 3.07 1.91
N PRO A 3 3.77 2.44 3.02
CA PRO A 3 2.36 2.44 3.42
C PRO A 3 1.77 3.85 3.43
N PRO A 4 0.74 4.11 2.60
CA PRO A 4 0.09 5.41 2.52
C PRO A 4 -0.92 5.64 3.65
N SER A 5 -1.08 6.91 4.05
CA SER A 5 -2.04 7.28 5.09
C SER A 5 -3.48 7.00 4.67
N ASP A 6 -3.84 7.45 3.45
CA ASP A 6 -5.22 7.32 2.96
C ASP A 6 -5.71 5.87 3.05
N ALA A 8 -7.96 4.25 1.17
CA ALA A 8 -8.07 3.61 -0.14
C ALA A 8 -6.74 2.97 -0.56
N ALA A 9 -5.69 3.79 -0.58
CA ALA A 9 -4.39 3.35 -1.11
C ALA A 9 -3.75 2.29 -0.23
N TYR A 10 -4.04 2.35 1.08
CA TYR A 10 -3.48 1.39 2.05
C TYR A 10 -3.91 -0.03 1.70
N ALA A 11 -5.11 -0.19 1.14
CA ALA A 11 -5.65 -1.50 0.78
C ALA A 11 -4.91 -2.07 -0.43
N GLN A 12 -4.85 -1.29 -1.51
CA GLN A 12 -4.16 -1.71 -2.73
C GLN A 12 -2.68 -1.97 -2.43
N TRP A 13 -2.12 -1.16 -1.53
CA TRP A 13 -0.72 -1.29 -1.13
C TRP A 13 -0.46 -2.71 -0.62
N LEU A 14 -1.36 -3.20 0.25
CA LEU A 14 -1.24 -4.56 0.79
C LEU A 14 -1.36 -5.60 -0.33
N ALA A 15 -2.32 -5.39 -1.23
CA ALA A 15 -2.56 -6.29 -2.35
C ALA A 15 -1.31 -6.46 -3.22
N ASP A 16 -0.49 -5.41 -3.32
CA ASP A 16 0.72 -5.46 -4.13
C ASP A 16 1.94 -5.94 -3.33
N GLY A 18 2.62 -4.91 -0.26
CA GLY A 18 3.07 -3.81 0.58
C GLY A 18 4.40 -3.23 0.11
N TRP A 19 5.47 -3.53 0.86
CA TRP A 19 6.81 -3.04 0.53
C TRP A 19 7.30 -3.61 -0.80
N ALA A 20 6.85 -4.82 -1.14
CA ALA A 20 7.24 -5.48 -2.39
C ALA A 20 6.27 -5.12 -3.52
N SER A 21 5.87 -3.85 -3.57
CA SER A 21 4.94 -3.37 -4.60
C SER A 21 5.69 -2.73 -5.76
N ARG A 1 7.46 1.50 -2.21
CA ARG A 1 6.74 2.58 -1.47
C ARG A 1 6.20 2.09 -0.13
N PRO A 2 6.19 2.95 0.90
CA PRO A 2 5.70 2.61 2.24
C PRO A 2 4.18 2.75 2.37
N PRO A 3 3.58 2.11 3.39
CA PRO A 3 2.14 2.17 3.62
C PRO A 3 1.62 3.61 3.68
N PRO A 4 0.66 3.97 2.80
CA PRO A 4 0.09 5.32 2.77
C PRO A 4 -0.98 5.54 3.84
N SER A 5 -1.12 6.78 4.29
CA SER A 5 -2.14 7.14 5.28
C SER A 5 -3.57 6.96 4.73
N ASP A 6 -3.80 7.46 3.52
CA ASP A 6 -5.14 7.43 2.91
C ASP A 6 -5.70 6.01 2.89
N ALA A 8 -7.94 4.62 0.82
CA ALA A 8 -7.97 4.03 -0.52
C ALA A 8 -6.64 3.38 -0.87
N ALA A 9 -5.55 4.16 -0.77
CA ALA A 9 -4.24 3.70 -1.25
C ALA A 9 -3.71 2.56 -0.39
N TYR A 10 -4.09 2.56 0.90
CA TYR A 10 -3.64 1.51 1.83
C TYR A 10 -4.09 0.13 1.36
N ALA A 11 -5.26 0.06 0.71
CA ALA A 11 -5.80 -1.20 0.23
C ALA A 11 -5.01 -1.72 -0.97
N GLN A 12 -4.84 -0.87 -1.98
CA GLN A 12 -4.08 -1.24 -3.18
C GLN A 12 -2.64 -1.58 -2.81
N TRP A 13 -2.12 -0.86 -1.80
CA TRP A 13 -0.75 -1.09 -1.32
C TRP A 13 -0.58 -2.55 -0.89
N LEU A 14 -1.56 -3.06 -0.14
CA LEU A 14 -1.55 -4.45 0.32
C LEU A 14 -1.61 -5.40 -0.87
N ALA A 15 -2.49 -5.09 -1.82
CA ALA A 15 -2.68 -5.90 -3.02
C ALA A 15 -1.39 -6.01 -3.85
N ASP A 16 -0.55 -4.98 -3.80
CA ASP A 16 0.71 -4.97 -4.54
C ASP A 16 1.85 -5.63 -3.77
N GLY A 18 2.48 -4.82 -0.55
CA GLY A 18 2.88 -3.91 0.51
C GLY A 18 4.34 -3.49 0.40
N TRP A 19 5.16 -3.98 1.33
CA TRP A 19 6.59 -3.66 1.33
C TRP A 19 7.31 -4.33 0.16
N ALA A 20 6.80 -5.49 -0.29
CA ALA A 20 7.38 -6.21 -1.42
C ALA A 20 6.69 -5.82 -2.72
N SER A 21 6.42 -4.53 -2.89
CA SER A 21 5.77 -4.00 -4.09
C SER A 21 6.79 -3.46 -5.08
N ARG A 1 7.00 2.04 -2.64
CA ARG A 1 6.31 3.00 -1.74
C ARG A 1 5.85 2.34 -0.44
N PRO A 2 5.97 3.05 0.70
CA PRO A 2 5.57 2.51 2.01
C PRO A 2 4.06 2.63 2.25
N PRO A 3 3.57 2.05 3.36
CA PRO A 3 2.16 2.09 3.72
C PRO A 3 1.61 3.52 3.86
N PRO A 4 0.69 3.92 2.97
CA PRO A 4 0.10 5.26 3.00
C PRO A 4 -1.03 5.37 4.02
N SER A 5 -1.05 6.50 4.74
CA SER A 5 -2.11 6.77 5.72
C SER A 5 -3.50 6.68 5.10
N ASP A 6 -3.69 7.36 3.96
CA ASP A 6 -4.99 7.38 3.28
C ASP A 6 -5.56 5.97 3.15
N ALA A 8 -7.77 4.75 1.00
CA ALA A 8 -7.83 4.27 -0.39
C ALA A 8 -6.52 3.60 -0.79
N ALA A 9 -5.42 4.35 -0.68
CA ALA A 9 -4.13 3.89 -1.18
C ALA A 9 -3.61 2.69 -0.38
N TYR A 10 -3.99 2.63 0.90
CA TYR A 10 -3.54 1.55 1.78
C TYR A 10 -4.02 0.20 1.25
N ALA A 11 -5.21 0.18 0.62
CA ALA A 11 -5.79 -1.05 0.08
C ALA A 11 -4.99 -1.55 -1.12
N GLN A 12 -4.80 -0.66 -2.10
CA GLN A 12 -4.03 -1.01 -3.30
C GLN A 12 -2.59 -1.39 -2.93
N TRP A 13 -2.06 -0.73 -1.90
CA TRP A 13 -0.71 -1.01 -1.42
C TRP A 13 -0.59 -2.48 -1.02
N LEU A 14 -1.58 -2.97 -0.26
CA LEU A 14 -1.61 -4.37 0.17
C LEU A 14 -1.68 -5.30 -1.03
N ALA A 15 -2.51 -4.92 -2.01
CA ALA A 15 -2.70 -5.71 -3.23
C ALA A 15 -1.39 -5.89 -4.01
N ASP A 16 -0.54 -4.88 -3.98
CA ASP A 16 0.75 -4.93 -4.69
C ASP A 16 1.82 -5.67 -3.87
N GLY A 18 2.48 -4.75 -0.66
CA GLY A 18 2.89 -3.84 0.40
C GLY A 18 4.39 -3.56 0.37
N TRP A 19 5.12 -4.13 1.33
CA TRP A 19 6.57 -3.95 1.40
C TRP A 19 7.28 -4.70 0.28
N ALA A 20 6.66 -5.80 -0.19
CA ALA A 20 7.23 -6.59 -1.28
C ALA A 20 6.65 -6.18 -2.64
N SER A 21 6.49 -4.86 -2.83
CA SER A 21 5.94 -4.33 -4.07
C SER A 21 7.05 -3.84 -4.99
N ARG A 1 6.33 1.75 -3.38
CA ARG A 1 5.82 2.88 -2.56
C ARG A 1 5.51 2.43 -1.12
N PRO A 2 6.01 3.18 -0.11
CA PRO A 2 5.76 2.85 1.30
C PRO A 2 4.28 2.89 1.68
N PRO A 3 3.90 2.33 2.84
CA PRO A 3 2.51 2.31 3.32
C PRO A 3 1.92 3.72 3.44
N PRO A 4 0.90 4.04 2.63
CA PRO A 4 0.25 5.35 2.64
C PRO A 4 -0.79 5.46 3.77
N SER A 5 -0.78 6.62 4.45
CA SER A 5 -1.71 6.89 5.55
C SER A 5 -3.17 6.68 5.12
N ASP A 6 -3.55 7.27 3.99
CA ASP A 6 -4.94 7.25 3.53
C ASP A 6 -5.51 5.82 3.52
N ALA A 8 -7.87 4.41 1.40
CA ALA A 8 -8.02 3.83 0.07
C ALA A 8 -6.72 3.21 -0.45
N ALA A 9 -5.68 4.03 -0.54
CA ALA A 9 -4.40 3.59 -1.11
C ALA A 9 -3.75 2.49 -0.26
N TYR A 10 -3.98 2.52 1.06
CA TYR A 10 -3.38 1.53 1.96
C TYR A 10 -3.85 0.11 1.59
N ALA A 11 -5.09 0.00 1.11
CA ALA A 11 -5.65 -1.29 0.74
C ALA A 11 -4.93 -1.85 -0.49
N GLN A 12 -4.85 -1.05 -1.55
CA GLN A 12 -4.16 -1.46 -2.78
C GLN A 12 -2.70 -1.78 -2.49
N TRP A 13 -2.11 -1.02 -1.57
CA TRP A 13 -0.71 -1.21 -1.17
C TRP A 13 -0.51 -2.66 -0.68
N LEU A 14 -1.42 -3.11 0.20
CA LEU A 14 -1.36 -4.48 0.73
C LEU A 14 -1.50 -5.50 -0.40
N ALA A 15 -2.41 -5.23 -1.33
CA ALA A 15 -2.67 -6.10 -2.47
C ALA A 15 -1.42 -6.32 -3.33
N ASP A 16 -0.57 -5.29 -3.41
CA ASP A 16 0.67 -5.38 -4.20
C ASP A 16 1.86 -5.90 -3.37
N GLY A 18 2.58 -4.83 -0.40
CA GLY A 18 3.07 -3.75 0.44
C GLY A 18 4.45 -3.27 0.04
N TRP A 19 5.46 -3.65 0.83
CA TRP A 19 6.84 -3.26 0.56
C TRP A 19 7.36 -3.90 -0.72
N ALA A 20 6.84 -5.09 -1.05
CA ALA A 20 7.25 -5.80 -2.26
C ALA A 20 6.33 -5.44 -3.43
N SER A 21 6.02 -4.14 -3.58
CA SER A 21 5.14 -3.67 -4.65
C SER A 21 5.97 -3.15 -5.83
N ARG A 1 6.85 2.17 -2.61
CA ARG A 1 6.22 3.10 -1.64
C ARG A 1 5.83 2.40 -0.34
N PRO A 2 5.88 3.12 0.80
CA PRO A 2 5.52 2.57 2.10
C PRO A 2 4.02 2.68 2.39
N PRO A 3 3.55 2.10 3.51
CA PRO A 3 2.14 2.14 3.90
C PRO A 3 1.61 3.58 4.00
N PRO A 4 0.68 3.95 3.09
CA PRO A 4 0.10 5.30 3.07
C PRO A 4 -1.06 5.44 4.05
N SER A 5 -1.10 6.58 4.75
CA SER A 5 -2.18 6.89 5.70
C SER A 5 -3.56 6.77 5.04
N ASP A 6 -3.69 7.31 3.83
CA ASP A 6 -4.99 7.37 3.14
C ASP A 6 -5.60 5.98 3.02
N ALA A 8 -7.82 4.73 0.89
CA ALA A 8 -7.83 4.21 -0.47
C ALA A 8 -6.49 3.56 -0.84
N ALA A 9 -5.42 4.33 -0.70
CA ALA A 9 -4.10 3.89 -1.18
C ALA A 9 -3.58 2.71 -0.37
N TYR A 10 -3.95 2.65 0.92
CA TYR A 10 -3.52 1.58 1.81
C TYR A 10 -3.99 0.21 1.29
N ALA A 11 -5.18 0.19 0.66
CA ALA A 11 -5.75 -1.06 0.15
C ALA A 11 -4.98 -1.57 -1.05
N GLN A 12 -4.78 -0.70 -2.05
CA GLN A 12 -4.03 -1.07 -3.25
C GLN A 12 -2.60 -1.45 -2.90
N TRP A 13 -2.03 -0.74 -1.91
CA TRP A 13 -0.68 -1.01 -1.44
C TRP A 13 -0.53 -2.46 -1.01
N LEU A 14 -1.52 -2.95 -0.22
CA LEU A 14 -1.53 -4.33 0.24
C LEU A 14 -1.63 -5.29 -0.95
N ALA A 15 -2.56 -4.98 -1.86
CA ALA A 15 -2.78 -5.80 -3.05
C ALA A 15 -1.52 -5.88 -3.92
N ASP A 16 -0.74 -4.79 -3.95
CA ASP A 16 0.49 -4.73 -4.73
C ASP A 16 1.63 -5.52 -4.06
N GLY A 18 2.56 -4.70 -0.74
CA GLY A 18 3.00 -3.89 0.38
C GLY A 18 4.50 -3.62 0.33
N TRP A 19 5.23 -4.20 1.28
CA TRP A 19 6.68 -4.02 1.35
C TRP A 19 7.39 -4.79 0.23
N ALA A 20 6.81 -5.94 -0.16
CA ALA A 20 7.39 -6.76 -1.22
C ALA A 20 6.72 -6.45 -2.57
N SER A 21 6.49 -5.16 -2.83
CA SER A 21 5.87 -4.72 -4.08
C SER A 21 6.92 -4.29 -5.09
N ARG A 1 6.22 2.14 -3.28
CA ARG A 1 5.66 3.20 -2.40
C ARG A 1 5.42 2.69 -0.98
N PRO A 2 5.88 3.44 0.05
CA PRO A 2 5.68 3.04 1.45
C PRO A 2 4.21 3.05 1.85
N PRO A 3 3.85 2.41 2.99
CA PRO A 3 2.48 2.36 3.48
C PRO A 3 1.85 3.74 3.61
N PRO A 4 0.83 4.06 2.77
CA PRO A 4 0.16 5.35 2.79
C PRO A 4 -0.92 5.43 3.86
N SER A 5 -0.98 6.57 4.55
CA SER A 5 -2.00 6.82 5.58
C SER A 5 -3.41 6.65 5.02
N ASP A 6 -3.67 7.27 3.87
CA ASP A 6 -5.00 7.24 3.25
C ASP A 6 -5.56 5.81 3.22
N ALA A 8 -7.82 4.42 1.26
CA ALA A 8 -7.91 3.85 -0.09
C ALA A 8 -6.59 3.23 -0.52
N ALA A 9 -5.52 4.02 -0.51
CA ALA A 9 -4.24 3.60 -1.06
C ALA A 9 -3.62 2.47 -0.23
N TYR A 10 -3.91 2.47 1.09
CA TYR A 10 -3.37 1.46 1.99
C TYR A 10 -3.83 0.05 1.57
N ALA A 11 -5.05 -0.03 1.02
CA ALA A 11 -5.62 -1.32 0.61
C ALA A 11 -4.89 -1.87 -0.61
N GLN A 12 -4.80 -1.05 -1.66
CA GLN A 12 -4.11 -1.45 -2.89
C GLN A 12 -2.64 -1.77 -2.59
N TRP A 13 -2.04 -1.01 -1.68
CA TRP A 13 -0.66 -1.21 -1.27
C TRP A 13 -0.46 -2.64 -0.78
N LEU A 14 -1.37 -3.10 0.09
CA LEU A 14 -1.32 -4.47 0.61
C LEU A 14 -1.46 -5.49 -0.52
N ALA A 15 -2.38 -5.21 -1.45
CA ALA A 15 -2.63 -6.09 -2.59
C ALA A 15 -1.38 -6.27 -3.46
N ASP A 16 -0.53 -5.25 -3.51
CA ASP A 16 0.70 -5.31 -4.29
C ASP A 16 1.88 -5.88 -3.50
N GLY A 18 2.52 -5.00 -0.37
CA GLY A 18 2.99 -3.97 0.56
C GLY A 18 4.37 -3.46 0.21
N TRP A 19 5.37 -3.86 0.99
CA TRP A 19 6.75 -3.44 0.75
C TRP A 19 7.29 -4.00 -0.57
N ALA A 20 6.78 -5.16 -0.98
CA ALA A 20 7.20 -5.79 -2.22
C ALA A 20 6.31 -5.35 -3.39
N SER A 21 5.98 -4.05 -3.43
CA SER A 21 5.14 -3.49 -4.49
C SER A 21 5.98 -2.86 -5.59
N ARG A 1 6.97 1.44 -2.73
CA ARG A 1 6.29 2.57 -2.05
C ARG A 1 5.81 2.17 -0.65
N PRO A 2 6.22 2.92 0.39
CA PRO A 2 5.82 2.63 1.78
C PRO A 2 4.31 2.75 1.99
N PRO A 3 3.79 2.19 3.10
CA PRO A 3 2.35 2.23 3.42
C PRO A 3 1.80 3.66 3.49
N PRO A 4 0.80 3.98 2.65
CA PRO A 4 0.19 5.32 2.62
C PRO A 4 -0.87 5.51 3.70
N SER A 5 -0.85 6.67 4.35
CA SER A 5 -1.80 7.01 5.41
C SER A 5 -3.25 6.80 4.97
N ASP A 6 -3.63 7.43 3.86
CA ASP A 6 -5.02 7.40 3.37
C ASP A 6 -5.57 5.97 3.34
N ALA A 8 -7.89 4.57 1.17
CA ALA A 8 -8.03 3.98 -0.16
C ALA A 8 -6.74 3.33 -0.64
N ALA A 9 -5.67 4.12 -0.71
CA ALA A 9 -4.40 3.64 -1.25
C ALA A 9 -3.79 2.53 -0.38
N TYR A 10 -4.08 2.57 0.93
CA TYR A 10 -3.54 1.56 1.85
C TYR A 10 -4.01 0.16 1.46
N ALA A 11 -5.22 0.06 0.90
CA ALA A 11 -5.80 -1.21 0.49
C ALA A 11 -5.04 -1.78 -0.71
N GLN A 12 -4.86 -0.96 -1.74
CA GLN A 12 -4.13 -1.38 -2.94
C GLN A 12 -2.68 -1.71 -2.59
N TRP A 13 -2.12 -0.96 -1.64
CA TRP A 13 -0.75 -1.19 -1.18
C TRP A 13 -0.59 -2.63 -0.70
N LEU A 14 -1.55 -3.09 0.12
CA LEU A 14 -1.54 -4.45 0.63
C LEU A 14 -1.64 -5.46 -0.52
N ALA A 15 -2.51 -5.15 -1.49
CA ALA A 15 -2.71 -6.01 -2.66
C ALA A 15 -1.44 -6.14 -3.50
N ASP A 16 -0.59 -5.11 -3.48
CA ASP A 16 0.65 -5.11 -4.24
C ASP A 16 1.82 -5.70 -3.43
N GLY A 18 2.58 -4.77 -0.44
CA GLY A 18 3.06 -3.74 0.46
C GLY A 18 4.49 -3.34 0.18
N TRP A 19 5.42 -3.81 1.01
CA TRP A 19 6.85 -3.50 0.85
C TRP A 19 7.41 -4.18 -0.39
N ALA A 20 6.84 -5.33 -0.76
CA ALA A 20 7.30 -6.07 -1.93
C ALA A 20 6.48 -5.68 -3.17
N SER A 21 6.25 -4.36 -3.33
CA SER A 21 5.49 -3.84 -4.46
C SER A 21 6.43 -3.33 -5.57
N ARG A 1 7.27 1.28 -2.74
CA ARG A 1 6.59 2.41 -2.04
C ARG A 1 6.16 2.01 -0.64
N PRO A 2 6.21 2.95 0.33
CA PRO A 2 5.83 2.71 1.72
C PRO A 2 4.32 2.82 1.95
N PRO A 3 3.82 2.28 3.09
CA PRO A 3 2.40 2.33 3.43
C PRO A 3 1.84 3.76 3.40
N PRO A 4 0.81 4.02 2.57
CA PRO A 4 0.20 5.35 2.47
C PRO A 4 -0.81 5.63 3.58
N SER A 5 -0.95 6.90 3.95
CA SER A 5 -1.90 7.31 4.99
C SER A 5 -3.34 7.02 4.60
N ASP A 6 -3.79 7.59 3.48
CA ASP A 6 -5.16 7.43 3.01
C ASP A 6 -5.64 5.99 3.14
N ALA A 8 -8.03 4.33 1.20
CA ALA A 8 -8.18 3.63 -0.08
C ALA A 8 -6.86 3.01 -0.55
N ALA A 9 -5.82 3.83 -0.62
CA ALA A 9 -4.53 3.39 -1.18
C ALA A 9 -3.89 2.31 -0.29
N TYR A 10 -4.16 2.36 1.02
CA TYR A 10 -3.59 1.41 1.96
C TYR A 10 -4.00 -0.03 1.60
N ALA A 11 -5.21 -0.19 1.06
CA ALA A 11 -5.72 -1.50 0.69
C ALA A 11 -4.97 -2.06 -0.51
N GLN A 12 -4.90 -1.28 -1.59
CA GLN A 12 -4.19 -1.69 -2.80
C GLN A 12 -2.71 -1.94 -2.49
N TRP A 13 -2.17 -1.15 -1.56
CA TRP A 13 -0.78 -1.28 -1.15
C TRP A 13 -0.52 -2.69 -0.64
N LEU A 14 -1.42 -3.20 0.21
CA LEU A 14 -1.32 -4.55 0.74
C LEU A 14 -1.39 -5.57 -0.39
N ALA A 15 -2.33 -5.35 -1.31
CA ALA A 15 -2.53 -6.24 -2.46
C ALA A 15 -1.27 -6.35 -3.33
N ASP A 16 -0.46 -5.28 -3.35
CA ASP A 16 0.76 -5.25 -4.15
C ASP A 16 1.96 -5.78 -3.36
N GLY A 18 2.58 -4.94 -0.22
CA GLY A 18 3.02 -3.89 0.69
C GLY A 18 4.35 -3.29 0.30
N TRP A 19 5.40 -3.64 1.05
CA TRP A 19 6.75 -3.13 0.78
C TRP A 19 7.28 -3.62 -0.56
N ALA A 20 6.82 -4.80 -1.00
CA ALA A 20 7.24 -5.37 -2.28
C ALA A 20 6.30 -4.91 -3.40
N SER A 21 5.92 -3.63 -3.38
CA SER A 21 5.02 -3.07 -4.40
C SER A 21 5.81 -2.31 -5.46
N ARG A 1 6.89 1.90 -2.82
CA ARG A 1 6.18 2.94 -2.03
C ARG A 1 5.74 2.41 -0.67
N PRO A 2 6.14 3.08 0.44
CA PRO A 2 5.77 2.66 1.80
C PRO A 2 4.25 2.73 2.04
N PRO A 3 3.77 2.10 3.13
CA PRO A 3 2.33 2.10 3.48
C PRO A 3 1.77 3.50 3.68
N PRO A 4 0.81 3.91 2.83
CA PRO A 4 0.19 5.24 2.92
C PRO A 4 -0.91 5.30 3.99
N SER A 5 -0.89 6.38 4.77
CA SER A 5 -1.88 6.59 5.83
C SER A 5 -3.32 6.47 5.33
N ASP A 6 -3.63 7.18 4.24
CA ASP A 6 -4.99 7.21 3.68
C ASP A 6 -5.57 5.80 3.54
N ALA A 8 -7.85 4.60 1.22
CA ALA A 8 -7.98 4.11 -0.16
C ALA A 8 -6.68 3.50 -0.68
N ALA A 9 -5.60 4.29 -0.70
CA ALA A 9 -4.33 3.84 -1.26
C ALA A 9 -3.73 2.69 -0.45
N TYR A 10 -3.99 2.66 0.86
CA TYR A 10 -3.47 1.60 1.72
C TYR A 10 -3.95 0.22 1.27
N ALA A 11 -5.18 0.18 0.72
CA ALA A 11 -5.76 -1.07 0.22
C ALA A 11 -4.98 -1.57 -0.98
N GLN A 12 -4.80 -0.69 -1.98
CA GLN A 12 -4.04 -1.04 -3.18
C GLN A 12 -2.61 -1.43 -2.83
N TRP A 13 -2.06 -0.76 -1.82
CA TRP A 13 -0.70 -1.04 -1.34
C TRP A 13 -0.58 -2.51 -0.95
N LEU A 14 -1.55 -2.99 -0.17
CA LEU A 14 -1.57 -4.39 0.26
C LEU A 14 -1.67 -5.33 -0.95
N ALA A 15 -2.51 -4.95 -1.91
CA ALA A 15 -2.73 -5.74 -3.13
C ALA A 15 -1.43 -5.90 -3.92
N ASP A 16 -0.56 -4.89 -3.88
CA ASP A 16 0.72 -4.93 -4.60
C ASP A 16 1.82 -5.62 -3.79
N GLY A 18 2.49 -4.75 -0.66
CA GLY A 18 2.90 -3.83 0.37
C GLY A 18 4.39 -3.52 0.31
N TRP A 19 5.15 -4.09 1.25
CA TRP A 19 6.60 -3.89 1.29
C TRP A 19 7.30 -4.60 0.13
N ALA A 20 6.70 -5.70 -0.33
CA ALA A 20 7.26 -6.47 -1.44
C ALA A 20 6.63 -6.03 -2.77
N SER A 21 6.48 -4.71 -2.96
CA SER A 21 5.89 -4.16 -4.18
C SER A 21 6.99 -3.65 -5.11
N ARG A 1 6.55 1.82 -3.19
CA ARG A 1 5.96 2.94 -2.40
C ARG A 1 5.66 2.52 -0.97
N PRO A 2 6.04 3.33 0.04
CA PRO A 2 5.79 3.02 1.45
C PRO A 2 4.31 3.05 1.80
N PRO A 3 3.91 2.42 2.92
CA PRO A 3 2.51 2.38 3.36
C PRO A 3 1.90 3.77 3.50
N PRO A 4 0.88 4.09 2.68
CA PRO A 4 0.21 5.38 2.71
C PRO A 4 -0.85 5.48 3.82
N SER A 5 -0.86 6.62 4.51
CA SER A 5 -1.81 6.86 5.61
C SER A 5 -3.26 6.67 5.16
N ASP A 6 -3.64 7.31 4.05
CA ASP A 6 -5.01 7.25 3.55
C ASP A 6 -5.55 5.83 3.52
N ALA A 8 -7.89 4.40 1.38
CA ALA A 8 -8.08 3.82 0.04
C ALA A 8 -6.79 3.19 -0.49
N ALA A 9 -5.73 3.99 -0.59
CA ALA A 9 -4.47 3.53 -1.19
C ALA A 9 -3.80 2.45 -0.32
N TYR A 10 -4.00 2.52 1.00
CA TYR A 10 -3.39 1.54 1.91
C TYR A 10 -3.86 0.12 1.57
N ALA A 11 -5.10 0.00 1.08
CA ALA A 11 -5.67 -1.29 0.70
C ALA A 11 -4.95 -1.86 -0.51
N GLN A 12 -4.86 -1.06 -1.58
CA GLN A 12 -4.18 -1.48 -2.81
C GLN A 12 -2.71 -1.78 -2.52
N TRP A 13 -2.11 -1.00 -1.61
CA TRP A 13 -0.72 -1.20 -1.21
C TRP A 13 -0.51 -2.63 -0.72
N LEU A 14 -1.42 -3.09 0.15
CA LEU A 14 -1.36 -4.45 0.69
C LEU A 14 -1.50 -5.47 -0.44
N ALA A 15 -2.44 -5.21 -1.36
CA ALA A 15 -2.70 -6.10 -2.49
C ALA A 15 -1.46 -6.27 -3.37
N ASP A 16 -0.61 -5.25 -3.43
CA ASP A 16 0.61 -5.30 -4.25
C ASP A 16 1.81 -5.83 -3.45
N GLY A 18 2.59 -4.82 -0.47
CA GLY A 18 3.08 -3.75 0.39
C GLY A 18 4.49 -3.31 0.05
N TRP A 19 5.46 -3.74 0.86
CA TRP A 19 6.87 -3.40 0.64
C TRP A 19 7.41 -4.07 -0.62
N ALA A 20 6.85 -5.24 -0.96
CA ALA A 20 7.27 -5.98 -2.15
C ALA A 20 6.41 -5.59 -3.36
N SER A 21 6.16 -4.29 -3.51
CA SER A 21 5.35 -3.79 -4.63
C SER A 21 6.23 -3.30 -5.77
N ARG A 1 6.49 1.65 -3.29
CA ARG A 1 5.92 2.78 -2.51
C ARG A 1 5.63 2.36 -1.06
N PRO A 2 6.04 3.17 -0.06
CA PRO A 2 5.80 2.87 1.35
C PRO A 2 4.32 2.91 1.71
N PRO A 3 3.93 2.35 2.88
CA PRO A 3 2.55 2.33 3.35
C PRO A 3 1.94 3.73 3.44
N PRO A 4 0.91 4.03 2.62
CA PRO A 4 0.26 5.34 2.62
C PRO A 4 -0.77 5.48 3.75
N SER A 5 -0.77 6.64 4.40
CA SER A 5 -1.68 6.92 5.51
C SER A 5 -3.15 6.70 5.13
N ASP A 6 -3.57 7.32 4.02
CA ASP A 6 -4.98 7.28 3.59
C ASP A 6 -5.51 5.84 3.54
N ALA A 8 -7.86 4.40 1.46
CA ALA A 8 -8.08 3.81 0.13
C ALA A 8 -6.82 3.15 -0.42
N ALA A 9 -5.75 3.94 -0.55
CA ALA A 9 -4.51 3.45 -1.16
C ALA A 9 -3.83 2.39 -0.29
N TYR A 10 -4.02 2.46 1.02
CA TYR A 10 -3.41 1.49 1.94
C TYR A 10 -3.88 0.06 1.61
N ALA A 11 -5.13 -0.05 1.11
CA ALA A 11 -5.68 -1.35 0.74
C ALA A 11 -4.96 -1.92 -0.48
N GLN A 12 -4.89 -1.13 -1.55
CA GLN A 12 -4.21 -1.56 -2.78
C GLN A 12 -2.74 -1.86 -2.49
N TRP A 13 -2.14 -1.07 -1.59
CA TRP A 13 -0.74 -1.25 -1.19
C TRP A 13 -0.53 -2.67 -0.69
N LEU A 14 -1.43 -3.14 0.20
CA LEU A 14 -1.36 -4.49 0.74
C LEU A 14 -1.49 -5.53 -0.38
N ALA A 15 -2.39 -5.26 -1.32
CA ALA A 15 -2.62 -6.15 -2.46
C ALA A 15 -1.37 -6.34 -3.31
N ASP A 16 -0.53 -5.30 -3.38
CA ASP A 16 0.71 -5.37 -4.17
C ASP A 16 1.90 -5.87 -3.33
N GLY A 18 2.56 -4.82 -0.35
CA GLY A 18 3.03 -3.73 0.48
C GLY A 18 4.41 -3.24 0.08
N TRP A 19 5.43 -3.62 0.87
CA TRP A 19 6.80 -3.22 0.60
C TRP A 19 7.33 -3.86 -0.68
N ALA A 20 6.77 -5.02 -1.06
CA ALA A 20 7.17 -5.71 -2.27
C ALA A 20 6.30 -5.29 -3.46
N SER A 21 6.02 -4.00 -3.56
CA SER A 21 5.20 -3.46 -4.64
C SER A 21 6.07 -2.82 -5.72
N ARG A 1 6.38 1.92 -3.27
CA ARG A 1 5.76 3.03 -2.51
C ARG A 1 5.48 2.63 -1.06
N PRO A 2 5.93 3.44 -0.08
CA PRO A 2 5.72 3.15 1.34
C PRO A 2 4.23 3.18 1.72
N PRO A 3 3.87 2.59 2.88
CA PRO A 3 2.48 2.56 3.35
C PRO A 3 1.85 3.94 3.41
N PRO A 4 0.81 4.19 2.60
CA PRO A 4 0.11 5.48 2.57
C PRO A 4 -0.94 5.62 3.67
N SER A 5 -0.99 6.79 4.28
CA SER A 5 -1.96 7.08 5.34
C SER A 5 -3.40 6.86 4.86
N ASP A 6 -3.78 7.53 3.77
CA ASP A 6 -5.14 7.41 3.22
C ASP A 6 -5.60 5.95 3.26
N ALA A 8 -7.87 4.39 1.39
CA ALA A 8 -8.03 3.78 0.07
C ALA A 8 -6.74 3.12 -0.40
N ALA A 9 -5.65 3.91 -0.45
CA ALA A 9 -4.40 3.46 -1.05
C ALA A 9 -3.74 2.39 -0.18
N TYR A 10 -3.97 2.44 1.14
CA TYR A 10 -3.37 1.49 2.07
C TYR A 10 -3.83 0.06 1.76
N ALA A 11 -5.07 -0.07 1.26
CA ALA A 11 -5.62 -1.39 0.92
C ALA A 11 -4.92 -1.99 -0.28
N GLN A 12 -4.89 -1.23 -1.38
CA GLN A 12 -4.22 -1.69 -2.61
C GLN A 12 -2.74 -1.97 -2.34
N TRP A 13 -2.14 -1.16 -1.46
CA TRP A 13 -0.74 -1.33 -1.08
C TRP A 13 -0.50 -2.73 -0.53
N LEU A 14 -1.36 -3.15 0.40
CA LEU A 14 -1.28 -4.49 1.00
C LEU A 14 -1.43 -5.57 -0.07
N ALA A 15 -2.38 -5.35 -0.99
CA ALA A 15 -2.66 -6.29 -2.07
C ALA A 15 -1.44 -6.50 -2.97
N ASP A 16 -0.62 -5.46 -3.14
CA ASP A 16 0.57 -5.54 -3.98
C ASP A 16 1.81 -5.99 -3.19
N GLY A 18 2.73 -4.72 -0.39
CA GLY A 18 3.25 -3.57 0.33
C GLY A 18 4.61 -3.14 -0.18
N TRP A 19 5.67 -3.52 0.54
CA TRP A 19 7.03 -3.17 0.16
C TRP A 19 7.45 -3.88 -1.14
N ALA A 20 6.88 -5.06 -1.38
CA ALA A 20 7.18 -5.83 -2.59
C ALA A 20 6.20 -5.50 -3.71
N SER A 21 5.89 -4.21 -3.87
CA SER A 21 4.96 -3.76 -4.91
C SER A 21 5.71 -3.29 -6.15
N ARG A 1 7.32 1.61 -2.36
CA ARG A 1 6.48 2.75 -1.89
C ARG A 1 5.99 2.53 -0.46
N PRO A 2 6.33 3.45 0.47
CA PRO A 2 5.91 3.34 1.88
C PRO A 2 4.39 3.38 2.04
N PRO A 3 3.86 2.77 3.13
CA PRO A 3 2.42 2.72 3.38
C PRO A 3 1.75 4.10 3.26
N PRO A 4 0.70 4.21 2.42
CA PRO A 4 0.00 5.47 2.21
C PRO A 4 -1.02 5.77 3.31
N SER A 5 -1.38 7.05 3.46
CA SER A 5 -2.33 7.48 4.50
C SER A 5 -3.77 7.12 4.11
N ASP A 6 -4.21 7.58 2.94
CA ASP A 6 -5.56 7.31 2.46
C ASP A 6 -5.96 5.86 2.68
N ALA A 8 -8.18 3.95 1.05
CA ALA A 8 -8.26 3.18 -0.19
C ALA A 8 -6.89 2.63 -0.59
N ALA A 9 -5.90 3.52 -0.66
CA ALA A 9 -4.59 3.15 -1.20
C ALA A 9 -3.87 2.15 -0.29
N TYR A 10 -4.12 2.24 1.02
CA TYR A 10 -3.52 1.32 1.99
C TYR A 10 -3.93 -0.13 1.72
N ALA A 11 -5.14 -0.31 1.18
CA ALA A 11 -5.65 -1.65 0.88
C ALA A 11 -4.92 -2.25 -0.32
N GLN A 12 -4.90 -1.51 -1.44
CA GLN A 12 -4.22 -1.97 -2.65
C GLN A 12 -2.73 -2.19 -2.37
N TRP A 13 -2.18 -1.34 -1.49
CA TRP A 13 -0.77 -1.44 -1.12
C TRP A 13 -0.48 -2.83 -0.55
N LEU A 14 -1.33 -3.29 0.37
CA LEU A 14 -1.18 -4.61 0.98
C LEU A 14 -1.30 -5.72 -0.07
N ALA A 15 -2.26 -5.55 -0.99
CA ALA A 15 -2.51 -6.52 -2.05
C ALA A 15 -1.27 -6.75 -2.93
N ASP A 16 -0.49 -5.70 -3.17
CA ASP A 16 0.71 -5.81 -4.01
C ASP A 16 1.95 -6.24 -3.20
N GLY A 18 2.86 -4.57 -0.32
CA GLY A 18 3.32 -3.42 0.44
C GLY A 18 4.66 -2.90 -0.01
N TRP A 19 5.72 -3.32 0.69
CA TRP A 19 7.08 -2.89 0.35
C TRP A 19 7.50 -3.45 -1.00
N ALA A 20 6.96 -4.60 -1.37
CA ALA A 20 7.25 -5.23 -2.66
C ALA A 20 6.16 -4.90 -3.68
N SER A 21 5.58 -3.71 -3.57
CA SER A 21 4.53 -3.26 -4.47
C SER A 21 5.10 -2.51 -5.67
N ARG A 1 7.29 1.54 -2.71
CA ARG A 1 6.52 2.64 -2.06
C ARG A 1 6.11 2.28 -0.64
N PRO A 2 6.14 3.26 0.28
CA PRO A 2 5.77 3.05 1.68
C PRO A 2 4.26 3.12 1.92
N PRO A 3 3.77 2.50 3.02
CA PRO A 3 2.34 2.50 3.35
C PRO A 3 1.74 3.91 3.32
N PRO A 4 0.71 4.13 2.48
CA PRO A 4 0.06 5.44 2.36
C PRO A 4 -0.95 5.70 3.48
N SER A 5 -1.12 6.98 3.82
CA SER A 5 -2.07 7.38 4.86
C SER A 5 -3.52 7.09 4.46
N ASP A 6 -3.90 7.54 3.26
CA ASP A 6 -5.27 7.37 2.77
C ASP A 6 -5.73 5.92 2.93
N ALA A 8 -8.02 4.20 1.20
CA ALA A 8 -8.16 3.50 -0.08
C ALA A 8 -6.83 2.87 -0.50
N ALA A 9 -5.79 3.70 -0.60
CA ALA A 9 -4.50 3.26 -1.15
C ALA A 9 -3.84 2.21 -0.25
N TYR A 10 -4.09 2.31 1.06
CA TYR A 10 -3.50 1.38 2.03
C TYR A 10 -3.93 -0.07 1.73
N ALA A 11 -5.13 -0.24 1.18
CA ALA A 11 -5.66 -1.56 0.86
C ALA A 11 -4.93 -2.17 -0.33
N GLN A 12 -4.88 -1.41 -1.43
CA GLN A 12 -4.19 -1.88 -2.64
C GLN A 12 -2.71 -2.12 -2.35
N TRP A 13 -2.15 -1.28 -1.47
CA TRP A 13 -0.75 -1.41 -1.07
C TRP A 13 -0.48 -2.80 -0.51
N LEU A 14 -1.37 -3.27 0.38
CA LEU A 14 -1.27 -4.60 0.97
C LEU A 14 -1.36 -5.67 -0.12
N ALA A 15 -2.33 -5.50 -1.01
CA ALA A 15 -2.55 -6.43 -2.12
C ALA A 15 -1.34 -6.52 -3.04
N ASP A 16 -0.55 -5.44 -3.10
CA ASP A 16 0.65 -5.40 -3.94
C ASP A 16 1.90 -5.87 -3.18
N GLY A 18 2.70 -4.90 -0.17
CA GLY A 18 3.19 -3.79 0.64
C GLY A 18 4.46 -3.17 0.07
N TRP A 19 5.59 -3.48 0.71
CA TRP A 19 6.89 -2.95 0.27
C TRP A 19 7.29 -3.52 -1.08
N ALA A 20 6.84 -4.74 -1.38
CA ALA A 20 7.14 -5.39 -2.65
C ALA A 20 6.48 -4.66 -3.83
N SER A 21 5.47 -3.82 -3.53
CA SER A 21 4.76 -3.06 -4.56
C SER A 21 5.72 -2.15 -5.32
N ARG A 1 7.12 2.05 -2.60
CA ARG A 1 6.32 3.10 -1.92
C ARG A 1 5.85 2.64 -0.54
N PRO A 2 6.22 3.37 0.53
CA PRO A 2 5.82 3.01 1.90
C PRO A 2 4.31 3.11 2.12
N PRO A 3 3.79 2.38 3.13
CA PRO A 3 2.35 2.38 3.45
C PRO A 3 1.76 3.79 3.48
N PRO A 4 0.76 4.07 2.62
CA PRO A 4 0.12 5.39 2.56
C PRO A 4 -0.93 5.58 3.65
N SER A 5 -0.98 6.80 4.20
CA SER A 5 -1.94 7.14 5.26
C SER A 5 -3.38 6.88 4.84
N ASP A 6 -3.79 7.47 3.72
CA ASP A 6 -5.18 7.37 3.24
C ASP A 6 -5.68 5.92 3.25
N ALA A 8 -7.98 4.33 1.23
CA ALA A 8 -8.14 3.69 -0.08
C ALA A 8 -6.85 3.06 -0.58
N ALA A 9 -5.78 3.87 -0.67
CA ALA A 9 -4.51 3.40 -1.24
C ALA A 9 -3.86 2.34 -0.36
N TYR A 10 -4.09 2.40 0.96
CA TYR A 10 -3.51 1.45 1.90
C TYR A 10 -3.93 0.01 1.55
N ALA A 11 -5.16 -0.14 1.02
CA ALA A 11 -5.68 -1.45 0.64
C ALA A 11 -4.94 -2.00 -0.57
N GLN A 12 -4.87 -1.21 -1.65
CA GLN A 12 -4.17 -1.61 -2.86
C GLN A 12 -2.70 -1.88 -2.56
N TRP A 13 -2.13 -1.09 -1.64
CA TRP A 13 -0.74 -1.25 -1.23
C TRP A 13 -0.49 -2.68 -0.76
N LEU A 14 -1.41 -3.19 0.08
CA LEU A 14 -1.32 -4.56 0.59
C LEU A 14 -1.41 -5.56 -0.56
N ALA A 15 -2.32 -5.30 -1.50
CA ALA A 15 -2.53 -6.17 -2.65
C ALA A 15 -1.26 -6.35 -3.49
N ASP A 16 -0.41 -5.31 -3.52
CA ASP A 16 0.84 -5.36 -4.28
C ASP A 16 2.00 -5.90 -3.42
N GLY A 18 2.58 -4.95 -0.35
CA GLY A 18 3.01 -3.89 0.54
C GLY A 18 4.40 -3.37 0.21
N TRP A 19 5.38 -3.75 1.01
CA TRP A 19 6.77 -3.33 0.81
C TRP A 19 7.34 -3.89 -0.48
N ALA A 20 6.85 -5.07 -0.90
CA ALA A 20 7.31 -5.71 -2.12
C ALA A 20 6.42 -5.31 -3.31
N SER A 21 6.07 -4.02 -3.38
CA SER A 21 5.25 -3.49 -4.45
C SER A 21 6.09 -2.88 -5.56
#